data_9IWC
#
_entry.id   9IWC
#
_cell.length_a   115.792
_cell.length_b   115.792
_cell.length_c   115.043
_cell.angle_alpha   90.00
_cell.angle_beta   90.00
_cell.angle_gamma   90.00
#
_symmetry.space_group_name_H-M   'I 41 2 2'
#
loop_
_entity.id
_entity.type
_entity.pdbx_description
1 polymer 'Glyceraldehyde-3-phosphate dehydrogenase 3'
2 non-polymer 'methyl 4-[(4-ethynylphenyl)amino]-4-oxidanylidene-butanoate'
3 water water
#
_entity_poly.entity_id   1
_entity_poly.type   'polypeptide(L)'
_entity_poly.pdbx_seq_one_letter_code
;MGHHHHHHMVRVAINGFGRIGRLVMRIALSRPNVEVVALNDPFITNDYAAYMFKYDSTHGRYAGEVSHDDKHIIVDGKKI
ATYQERDPANLPWGSSNVDIAIDSTGVFKELDTAQKHIDAGAKKVVITAPSSTAPMFVMGVNEEKYTSDLKIVSNASCTT
NCLAPLAKVINDAFGIEEGLMTTVHSLTATQKTVDGPSHKDWRGGRTASGNIIPSSTGAAKAVGKVLPELQGKLTGMAFR
VPTVDVSVVDLTVKLNKETTYDEIKKVVKAAAEGKLKGVLGYTEDAVVSSDFLGDSHSSIFDASAGIQLSPKFVKLVSWY
DNEYGYSTRVVDLVEHVAKA
;
_entity_poly.pdbx_strand_id   A
#
# COMPACT_ATOMS: atom_id res chain seq x y z
N VAL A 10 11.11 -7.15 -16.13
CA VAL A 10 11.56 -7.32 -14.75
C VAL A 10 11.00 -8.60 -14.16
N ARG A 11 11.89 -9.47 -13.69
CA ARG A 11 11.52 -10.79 -13.22
C ARG A 11 11.35 -10.75 -11.71
N VAL A 12 10.17 -11.06 -11.22
CA VAL A 12 9.92 -10.93 -9.80
C VAL A 12 9.49 -12.28 -9.25
N ALA A 13 9.67 -12.42 -7.94
CA ALA A 13 9.17 -13.54 -7.15
C ALA A 13 8.46 -12.96 -5.94
N ILE A 14 7.38 -13.60 -5.51
CA ILE A 14 6.57 -13.11 -4.41
C ILE A 14 6.71 -14.08 -3.25
N ASN A 15 7.01 -13.54 -2.08
CA ASN A 15 7.10 -14.35 -0.88
C ASN A 15 5.87 -14.00 -0.03
N GLY A 16 5.08 -15.00 0.31
CA GLY A 16 3.86 -14.79 1.07
C GLY A 16 2.65 -14.56 0.19
N PHE A 17 1.59 -15.35 0.39
CA PHE A 17 0.40 -15.30 -0.47
C PHE A 17 -0.85 -14.96 0.33
N GLY A 18 -0.72 -14.03 1.27
CA GLY A 18 -1.86 -13.40 1.90
C GLY A 18 -2.50 -12.42 0.91
N ARG A 19 -3.47 -11.66 1.42
CA ARG A 19 -4.16 -10.65 0.61
C ARG A 19 -3.23 -9.83 -0.27
N ILE A 20 -2.17 -9.26 0.31
CA ILE A 20 -1.30 -8.37 -0.45
C ILE A 20 -0.56 -9.15 -1.53
N GLY A 21 0.06 -10.27 -1.17
CA GLY A 21 0.79 -11.04 -2.15
C GLY A 21 -0.08 -11.46 -3.32
N ARG A 22 -1.34 -11.81 -3.05
CA ARG A 22 -2.24 -12.21 -4.13
C ARG A 22 -2.62 -11.02 -5.01
N LEU A 23 -2.88 -9.87 -4.41
CA LEU A 23 -3.23 -8.70 -5.23
C LEU A 23 -2.02 -8.15 -5.96
N VAL A 24 -0.86 -8.17 -5.30
CA VAL A 24 0.35 -7.79 -6.03
C VAL A 24 0.53 -8.72 -7.23
N MET A 25 0.21 -10.01 -7.08
CA MET A 25 0.37 -10.90 -8.22
C MET A 25 -0.66 -10.60 -9.32
N ARG A 26 -1.94 -10.37 -8.97
CA ARG A 26 -2.91 -9.97 -9.98
C ARG A 26 -2.41 -8.78 -10.79
N ILE A 27 -1.86 -7.79 -10.09
CA ILE A 27 -1.47 -6.55 -10.76
C ILE A 27 -0.20 -6.77 -11.56
N ALA A 28 0.73 -7.56 -11.04
CA ALA A 28 1.99 -7.79 -11.74
C ALA A 28 1.80 -8.65 -12.98
N LEU A 29 0.82 -9.57 -12.97
CA LEU A 29 0.48 -10.31 -14.19
C LEU A 29 0.00 -9.38 -15.28
N SER A 30 -0.75 -8.33 -14.92
CA SER A 30 -1.24 -7.36 -15.89
C SER A 30 -0.18 -6.33 -16.33
N ARG A 31 0.95 -6.19 -15.62
CA ARG A 31 1.96 -5.23 -16.04
C ARG A 31 2.81 -5.80 -17.16
N PRO A 32 2.84 -5.17 -18.34
CA PRO A 32 3.61 -5.74 -19.46
C PRO A 32 5.09 -5.95 -19.17
N ASN A 33 5.76 -5.06 -18.44
CA ASN A 33 7.19 -5.22 -18.22
C ASN A 33 7.56 -5.97 -16.95
N VAL A 34 6.60 -6.61 -16.29
CA VAL A 34 6.89 -7.39 -15.09
C VAL A 34 6.48 -8.83 -15.36
N GLU A 35 7.38 -9.77 -15.08
CA GLU A 35 7.06 -11.19 -15.20
C GLU A 35 7.19 -11.85 -13.83
N VAL A 36 6.11 -12.52 -13.41
CA VAL A 36 6.08 -13.26 -12.16
C VAL A 36 6.69 -14.62 -12.41
N VAL A 37 7.81 -14.90 -11.76
CA VAL A 37 8.56 -16.12 -11.98
C VAL A 37 8.24 -17.18 -10.93
N ALA A 38 8.01 -16.78 -9.68
CA ALA A 38 7.87 -17.77 -8.64
C ALA A 38 7.06 -17.20 -7.49
N LEU A 39 6.55 -18.09 -6.68
CA LEU A 39 5.83 -17.74 -5.48
C LEU A 39 6.32 -18.67 -4.38
N ASN A 40 6.43 -18.15 -3.17
CA ASN A 40 6.79 -18.96 -2.02
C ASN A 40 5.81 -18.72 -0.89
N ASP A 41 5.31 -19.80 -0.30
CA ASP A 41 4.49 -19.71 0.91
C ASP A 41 4.40 -21.07 1.57
N PRO A 42 5.08 -21.25 2.72
CA PRO A 42 5.15 -22.57 3.36
C PRO A 42 3.87 -23.01 4.06
N PHE A 43 2.84 -22.17 4.13
CA PHE A 43 1.65 -22.48 4.90
C PHE A 43 0.46 -22.91 4.08
N ILE A 44 0.60 -22.99 2.77
CA ILE A 44 -0.53 -23.35 1.92
C ILE A 44 -0.05 -24.29 0.83
N THR A 45 -0.98 -25.03 0.25
CA THR A 45 -0.71 -25.90 -0.87
C THR A 45 -1.11 -25.20 -2.18
N ASN A 46 -0.66 -25.76 -3.31
CA ASN A 46 -0.93 -25.14 -4.60
C ASN A 46 -2.43 -25.09 -4.92
N ASP A 47 -3.21 -26.05 -4.45
CA ASP A 47 -4.63 -26.00 -4.77
C ASP A 47 -5.33 -24.91 -3.95
N TYR A 48 -4.95 -24.74 -2.68
CA TYR A 48 -5.50 -23.63 -1.90
C TYR A 48 -5.02 -22.29 -2.45
N ALA A 49 -3.74 -22.18 -2.80
CA ALA A 49 -3.25 -20.94 -3.40
C ALA A 49 -4.06 -20.57 -4.64
N ALA A 50 -4.36 -21.54 -5.49
CA ALA A 50 -5.11 -21.25 -6.70
C ALA A 50 -6.53 -20.82 -6.37
N TYR A 51 -7.16 -21.49 -5.41
CA TYR A 51 -8.49 -21.11 -4.97
C TYR A 51 -8.51 -19.66 -4.45
N MET A 52 -7.55 -19.34 -3.58
CA MET A 52 -7.49 -18.06 -2.90
C MET A 52 -7.26 -16.97 -3.91
N PHE A 53 -6.45 -17.26 -4.93
CA PHE A 53 -6.16 -16.30 -5.97
C PHE A 53 -7.39 -16.07 -6.84
N LYS A 54 -8.12 -17.14 -7.14
CA LYS A 54 -9.27 -17.03 -8.04
C LYS A 54 -10.39 -16.22 -7.40
N TYR A 55 -10.67 -16.41 -6.11
CA TYR A 55 -11.86 -15.82 -5.47
C TYR A 55 -11.50 -14.69 -4.51
N ASP A 56 -12.23 -13.59 -4.60
CA ASP A 56 -12.06 -12.47 -3.67
C ASP A 56 -13.41 -11.81 -3.43
N SER A 57 -13.86 -11.79 -2.16
CA SER A 57 -15.21 -11.34 -1.84
C SER A 57 -15.47 -9.90 -2.26
N THR A 58 -14.43 -9.09 -2.33
CA THR A 58 -14.52 -7.66 -2.60
C THR A 58 -13.96 -7.23 -3.94
N HIS A 59 -12.92 -7.89 -4.43
CA HIS A 59 -12.34 -7.46 -5.69
C HIS A 59 -12.68 -8.41 -6.84
N GLY A 60 -13.64 -9.32 -6.64
CA GLY A 60 -14.21 -10.11 -7.70
C GLY A 60 -13.39 -11.37 -7.98
N ARG A 61 -14.04 -12.31 -8.66
CA ARG A 61 -13.33 -13.42 -9.27
C ARG A 61 -12.31 -12.90 -10.27
N TYR A 62 -11.10 -13.44 -10.23
CA TYR A 62 -10.10 -13.14 -11.25
C TYR A 62 -10.64 -13.43 -12.65
N ALA A 63 -10.56 -12.43 -13.52
CA ALA A 63 -11.08 -12.50 -14.90
C ALA A 63 -10.07 -13.21 -15.78
N GLY A 64 -10.04 -14.52 -15.65
CA GLY A 64 -9.02 -15.34 -16.28
C GLY A 64 -9.09 -16.73 -15.70
N GLU A 65 -8.29 -17.62 -16.27
CA GLU A 65 -8.30 -19.01 -15.86
C GLU A 65 -7.24 -19.25 -14.80
N VAL A 66 -7.63 -19.93 -13.72
CA VAL A 66 -6.70 -20.24 -12.64
C VAL A 66 -6.73 -21.74 -12.40
N SER A 67 -5.55 -22.36 -12.33
CA SER A 67 -5.44 -23.73 -11.86
C SER A 67 -4.06 -23.98 -11.26
N HIS A 68 -3.59 -25.23 -11.27
CA HIS A 68 -2.35 -25.55 -10.60
C HIS A 68 -1.93 -26.95 -11.02
N ASP A 69 -0.71 -27.31 -10.66
CA ASP A 69 -0.25 -28.71 -10.67
C ASP A 69 0.69 -28.86 -9.49
N ASP A 70 1.48 -29.94 -9.47
CA ASP A 70 2.28 -30.19 -8.29
C ASP A 70 3.41 -29.18 -8.09
N LYS A 71 3.77 -28.42 -9.12
CA LYS A 71 4.89 -27.49 -8.97
C LYS A 71 4.58 -26.06 -9.39
N HIS A 72 3.33 -25.74 -9.73
CA HIS A 72 3.01 -24.41 -10.20
C HIS A 72 1.61 -24.00 -9.76
N ILE A 73 1.41 -22.72 -9.78
CA ILE A 73 0.10 -22.12 -9.96
C ILE A 73 0.07 -21.65 -11.41
N ILE A 74 -1.06 -21.82 -12.08
CA ILE A 74 -1.16 -21.57 -13.53
C ILE A 74 -2.27 -20.58 -13.76
N VAL A 75 -1.94 -19.44 -14.39
CA VAL A 75 -2.89 -18.35 -14.55
C VAL A 75 -2.91 -17.94 -16.02
N ASP A 76 -4.08 -18.08 -16.65
CA ASP A 76 -4.22 -17.88 -18.09
C ASP A 76 -3.10 -18.55 -18.86
N GLY A 77 -2.76 -19.78 -18.49
CA GLY A 77 -1.73 -20.54 -19.16
C GLY A 77 -0.34 -20.32 -18.62
N LYS A 78 -0.04 -19.15 -18.07
CA LYS A 78 1.26 -18.86 -17.48
C LYS A 78 1.51 -19.75 -16.27
N LYS A 79 2.54 -20.58 -16.34
CA LYS A 79 2.94 -21.36 -15.17
C LYS A 79 3.86 -20.52 -14.29
N ILE A 80 3.58 -20.55 -12.98
CA ILE A 80 4.34 -19.81 -11.99
C ILE A 80 4.85 -20.81 -10.98
N ALA A 81 6.18 -20.99 -10.90
CA ALA A 81 6.75 -21.98 -9.99
C ALA A 81 6.40 -21.64 -8.53
N THR A 82 6.09 -22.68 -7.74
CA THR A 82 5.72 -22.49 -6.34
C THR A 82 6.66 -23.24 -5.41
N TYR A 83 6.86 -22.67 -4.22
CA TYR A 83 7.75 -23.23 -3.22
C TYR A 83 7.09 -23.16 -1.85
N GLN A 84 7.61 -23.95 -0.90
CA GLN A 84 7.09 -23.97 0.47
C GLN A 84 8.24 -23.89 1.48
N GLU A 85 9.07 -22.84 1.39
CA GLU A 85 10.24 -22.73 2.27
C GLU A 85 9.96 -21.83 3.46
N ARG A 86 10.26 -22.34 4.66
CA ARG A 86 10.16 -21.52 5.85
C ARG A 86 11.26 -20.46 5.90
N ASP A 87 12.39 -20.74 5.25
CA ASP A 87 13.54 -19.84 5.30
C ASP A 87 13.88 -19.38 3.90
N PRO A 88 13.59 -18.13 3.55
CA PRO A 88 13.78 -17.67 2.16
C PRO A 88 15.21 -17.80 1.66
N ALA A 89 16.18 -17.99 2.55
CA ALA A 89 17.55 -18.19 2.08
C ALA A 89 17.68 -19.43 1.22
N ASN A 90 16.78 -20.42 1.40
CA ASN A 90 16.77 -21.65 0.62
C ASN A 90 16.13 -21.53 -0.76
N LEU A 91 15.52 -20.38 -1.09
CA LEU A 91 14.78 -20.28 -2.35
C LEU A 91 15.74 -20.14 -3.53
N PRO A 92 15.36 -20.64 -4.73
CA PRO A 92 16.27 -20.68 -5.88
C PRO A 92 16.26 -19.39 -6.70
N TRP A 93 16.43 -18.25 -6.03
CA TRP A 93 16.24 -16.99 -6.74
C TRP A 93 17.38 -16.70 -7.70
N GLY A 94 18.61 -16.97 -7.29
CA GLY A 94 19.71 -16.86 -8.23
C GLY A 94 19.51 -17.77 -9.43
N SER A 95 19.17 -19.02 -9.17
CA SER A 95 18.87 -19.98 -10.23
C SER A 95 17.70 -19.50 -11.08
N SER A 96 16.63 -19.01 -10.44
CA SER A 96 15.46 -18.54 -11.18
C SER A 96 15.69 -17.21 -11.88
N ASN A 97 16.81 -16.54 -11.62
CA ASN A 97 17.11 -15.23 -12.19
C ASN A 97 16.10 -14.18 -11.75
N VAL A 98 15.81 -14.16 -10.45
CA VAL A 98 14.85 -13.23 -9.87
C VAL A 98 15.52 -11.88 -9.72
N ASP A 99 15.06 -10.90 -10.50
CA ASP A 99 15.53 -9.54 -10.33
C ASP A 99 15.11 -8.96 -8.97
N ILE A 100 13.80 -8.91 -8.70
CA ILE A 100 13.32 -8.32 -7.45
C ILE A 100 12.45 -9.34 -6.71
N ALA A 101 12.76 -9.55 -5.45
CA ALA A 101 11.92 -10.34 -4.56
C ALA A 101 10.98 -9.40 -3.84
N ILE A 102 9.68 -9.67 -3.94
CA ILE A 102 8.66 -8.90 -3.25
C ILE A 102 8.29 -9.67 -1.99
N ASP A 103 8.61 -9.15 -0.80
CA ASP A 103 8.25 -9.86 0.41
C ASP A 103 6.98 -9.28 1.03
N SER A 104 5.93 -10.09 1.06
CA SER A 104 4.65 -9.66 1.60
C SER A 104 4.24 -10.49 2.81
N THR A 105 5.20 -11.15 3.46
CA THR A 105 4.89 -11.88 4.69
C THR A 105 4.74 -10.96 5.89
N GLY A 106 5.35 -9.78 5.84
CA GLY A 106 5.34 -8.93 7.01
C GLY A 106 6.17 -9.48 8.16
N VAL A 107 7.00 -10.48 7.93
CA VAL A 107 7.95 -10.91 8.95
C VAL A 107 9.40 -10.77 8.52
N PHE A 108 9.70 -10.66 7.23
CA PHE A 108 11.06 -10.39 6.77
C PHE A 108 11.17 -8.93 6.33
N LYS A 109 10.84 -8.03 7.25
CA LYS A 109 10.64 -6.64 6.91
C LYS A 109 11.73 -5.73 7.45
N GLU A 110 12.86 -6.28 7.85
CA GLU A 110 13.99 -5.48 8.30
C GLU A 110 15.21 -5.82 7.44
N LEU A 111 16.25 -5.00 7.57
CA LEU A 111 17.40 -5.14 6.67
C LEU A 111 18.08 -6.50 6.84
N ASP A 112 18.15 -7.01 8.08
CA ASP A 112 18.87 -8.26 8.32
C ASP A 112 18.06 -9.49 7.92
N THR A 113 16.74 -9.42 8.03
CA THR A 113 15.89 -10.54 7.65
C THR A 113 15.56 -10.55 6.15
N ALA A 114 15.22 -9.39 5.58
CA ALA A 114 14.99 -9.32 4.13
C ALA A 114 16.25 -9.65 3.34
N GLN A 115 17.42 -9.57 3.99
CA GLN A 115 18.68 -9.97 3.39
C GLN A 115 18.65 -11.41 2.85
N LYS A 116 17.86 -12.28 3.47
CA LYS A 116 17.82 -13.69 3.08
C LYS A 116 17.48 -13.84 1.59
N HIS A 117 16.58 -12.99 1.07
CA HIS A 117 16.27 -13.02 -0.36
C HIS A 117 17.48 -12.63 -1.18
N ILE A 118 18.30 -11.71 -0.68
CA ILE A 118 19.52 -11.37 -1.39
C ILE A 118 20.47 -12.55 -1.38
N ASP A 119 20.61 -13.19 -0.22
CA ASP A 119 21.48 -14.36 -0.09
C ASP A 119 21.04 -15.47 -1.04
N ALA A 120 19.72 -15.64 -1.20
CA ALA A 120 19.20 -16.68 -2.08
C ALA A 120 19.36 -16.35 -3.56
N GLY A 121 19.82 -15.15 -3.92
CA GLY A 121 20.08 -14.83 -5.31
C GLY A 121 19.27 -13.69 -5.92
N ALA A 122 18.35 -13.04 -5.22
CA ALA A 122 17.64 -11.89 -5.80
C ALA A 122 18.54 -10.66 -5.78
N LYS A 123 18.38 -9.81 -6.80
CA LYS A 123 19.18 -8.59 -6.89
C LYS A 123 18.74 -7.55 -5.86
N LYS A 124 17.42 -7.31 -5.74
CA LYS A 124 16.88 -6.35 -4.78
C LYS A 124 15.61 -6.91 -4.16
N VAL A 125 15.17 -6.30 -3.04
CA VAL A 125 13.98 -6.73 -2.32
C VAL A 125 13.03 -5.56 -2.12
N VAL A 126 11.73 -5.82 -2.22
CA VAL A 126 10.70 -4.82 -1.91
C VAL A 126 9.81 -5.36 -0.82
N ILE A 127 9.83 -4.72 0.34
CA ILE A 127 9.03 -5.15 1.48
C ILE A 127 7.66 -4.46 1.41
N THR A 128 6.59 -5.25 1.36
CA THR A 128 5.26 -4.64 1.30
C THR A 128 4.72 -4.37 2.69
N ALA A 129 5.52 -3.69 3.50
CA ALA A 129 5.16 -3.39 4.87
C ALA A 129 6.13 -2.33 5.39
N PRO A 130 5.72 -1.53 6.38
CA PRO A 130 6.65 -0.57 6.98
C PRO A 130 7.88 -1.26 7.55
N SER A 131 8.97 -0.51 7.63
CA SER A 131 10.25 -1.03 8.09
C SER A 131 10.94 -0.02 9.00
N SER A 132 11.50 -0.52 10.11
CA SER A 132 12.35 0.34 10.94
C SER A 132 13.74 0.52 10.38
N THR A 133 14.20 -0.38 9.53
CA THR A 133 15.59 -0.32 9.09
C THR A 133 15.77 -0.16 7.60
N ALA A 134 14.85 -0.67 6.78
CA ALA A 134 14.99 -0.48 5.34
C ALA A 134 14.42 0.88 4.96
N PRO A 135 15.03 1.56 3.99
CA PRO A 135 14.50 2.85 3.54
C PRO A 135 13.08 2.68 2.99
N MET A 136 12.25 3.67 3.25
CA MET A 136 10.82 3.67 2.97
C MET A 136 10.54 4.66 1.83
N PHE A 137 9.68 4.25 0.89
CA PHE A 137 9.39 5.04 -0.30
C PHE A 137 7.90 5.03 -0.55
N VAL A 138 7.35 6.20 -0.90
CA VAL A 138 5.94 6.36 -1.28
C VAL A 138 5.91 7.02 -2.63
N MET A 139 5.34 6.34 -3.63
CA MET A 139 5.30 6.87 -4.99
C MET A 139 4.58 8.20 -5.01
N GLY A 140 5.14 9.14 -5.78
CA GLY A 140 4.65 10.50 -5.81
C GLY A 140 5.08 11.38 -4.66
N VAL A 141 5.79 10.83 -3.66
CA VAL A 141 6.25 11.57 -2.50
C VAL A 141 7.78 11.68 -2.46
N ASN A 142 8.47 10.53 -2.52
CA ASN A 142 9.93 10.57 -2.41
C ASN A 142 10.62 9.51 -3.27
N GLU A 143 9.97 9.00 -4.32
CA GLU A 143 10.59 7.94 -5.10
C GLU A 143 11.79 8.45 -5.88
N GLU A 144 11.78 9.74 -6.23
CA GLU A 144 12.94 10.36 -6.86
C GLU A 144 14.17 10.32 -5.97
N LYS A 145 14.00 10.07 -4.68
CA LYS A 145 15.11 10.01 -3.75
C LYS A 145 15.76 8.63 -3.70
N TYR A 146 15.22 7.65 -4.43
CA TYR A 146 15.81 6.32 -4.45
C TYR A 146 17.08 6.34 -5.30
N THR A 147 18.10 5.62 -4.85
CA THR A 147 19.31 5.42 -5.65
C THR A 147 19.63 3.95 -5.76
N SER A 148 20.14 3.56 -6.93
CA SER A 148 20.26 2.17 -7.34
C SER A 148 21.26 1.37 -6.50
N ASP A 149 21.90 1.98 -5.50
CA ASP A 149 22.76 1.22 -4.60
C ASP A 149 22.00 0.71 -3.39
N LEU A 150 20.79 1.21 -3.14
CA LEU A 150 19.94 0.65 -2.10
C LEU A 150 19.28 -0.61 -2.65
N LYS A 151 19.50 -1.73 -2.00
CA LYS A 151 19.07 -3.01 -2.53
C LYS A 151 17.85 -3.57 -1.80
N ILE A 152 17.45 -2.96 -0.68
CA ILE A 152 16.31 -3.42 0.10
C ILE A 152 15.50 -2.20 0.52
N VAL A 153 14.20 -2.18 0.18
CA VAL A 153 13.36 -1.02 0.41
C VAL A 153 11.96 -1.45 0.84
N SER A 154 11.24 -0.52 1.45
CA SER A 154 9.89 -0.74 1.95
C SER A 154 8.93 0.25 1.30
N ASN A 155 7.73 -0.22 0.97
CA ASN A 155 6.69 0.62 0.38
C ASN A 155 5.80 1.26 1.43
N ALA A 156 6.24 1.29 2.69
CA ALA A 156 5.45 1.83 3.80
C ALA A 156 4.12 1.08 3.89
N SER A 157 3.08 1.74 4.37
CA SER A 157 1.78 1.13 4.64
C SER A 157 0.70 1.75 3.75
N CYS A 158 -0.48 1.14 3.72
CA CYS A 158 -1.52 1.70 2.85
C CYS A 158 -2.03 3.06 3.37
N THR A 159 -2.13 3.23 4.69
CA THR A 159 -2.61 4.49 5.26
C THR A 159 -1.60 5.61 5.04
N THR A 160 -0.31 5.28 5.18
CA THR A 160 0.74 6.21 4.84
C THR A 160 0.68 6.58 3.36
N ASN A 161 0.43 5.58 2.50
CA ASN A 161 0.32 5.86 1.08
C ASN A 161 -0.90 6.73 0.78
N CYS A 162 -1.92 6.68 1.62
CA CYS A 162 -3.06 7.56 1.37
C CYS A 162 -2.76 8.98 1.84
N LEU A 163 -2.15 9.10 3.04
CA LEU A 163 -1.91 10.40 3.67
C LEU A 163 -0.78 11.16 3.00
N ALA A 164 0.35 10.50 2.76
CA ALA A 164 1.55 11.25 2.34
C ALA A 164 1.37 12.02 1.03
N PRO A 165 0.81 11.46 -0.05
CA PRO A 165 0.63 12.29 -1.25
C PRO A 165 -0.24 13.51 -1.02
N LEU A 166 -1.32 13.38 -0.25
CA LEU A 166 -2.15 14.54 0.00
C LEU A 166 -1.44 15.55 0.89
N ALA A 167 -0.71 15.08 1.91
CA ALA A 167 0.04 15.98 2.79
C ALA A 167 1.12 16.72 2.01
N LYS A 168 1.78 16.04 1.06
CA LYS A 168 2.81 16.72 0.29
C LYS A 168 2.21 17.82 -0.55
N VAL A 169 1.08 17.55 -1.20
CA VAL A 169 0.44 18.55 -2.05
C VAL A 169 0.05 19.76 -1.21
N ILE A 170 -0.59 19.51 -0.08
CA ILE A 170 -1.06 20.59 0.78
C ILE A 170 0.11 21.35 1.37
N ASN A 171 1.14 20.64 1.82
CA ASN A 171 2.27 21.34 2.40
C ASN A 171 2.98 22.19 1.35
N ASP A 172 3.14 21.66 0.14
CA ASP A 172 3.84 22.41 -0.91
C ASP A 172 3.10 23.70 -1.25
N ALA A 173 1.76 23.68 -1.24
CA ALA A 173 1.01 24.83 -1.72
C ALA A 173 0.71 25.82 -0.62
N PHE A 174 0.38 25.35 0.58
CA PHE A 174 -0.01 26.22 1.68
C PHE A 174 0.81 26.04 2.94
N GLY A 175 1.65 25.02 3.02
CA GLY A 175 2.35 24.74 4.25
C GLY A 175 1.47 24.16 5.33
N ILE A 176 1.91 23.06 5.92
CA ILE A 176 1.23 22.49 7.09
C ILE A 176 2.00 22.93 8.32
N GLU A 177 1.33 23.64 9.21
CA GLU A 177 1.96 23.93 10.50
C GLU A 177 1.83 22.72 11.41
N GLU A 178 0.62 22.20 11.52
CA GLU A 178 0.27 21.12 12.43
C GLU A 178 -0.89 20.37 11.81
N GLY A 179 -0.93 19.05 12.00
CA GLY A 179 -2.10 18.32 11.58
C GLY A 179 -2.50 17.19 12.50
N LEU A 180 -3.80 16.99 12.68
CA LEU A 180 -4.32 15.85 13.42
C LEU A 180 -5.17 15.00 12.47
N MET A 181 -4.95 13.68 12.50
CA MET A 181 -5.53 12.76 11.53
C MET A 181 -6.40 11.73 12.25
N THR A 182 -7.57 11.48 11.68
CA THR A 182 -8.36 10.31 12.03
C THR A 182 -8.52 9.48 10.77
N THR A 183 -8.37 8.16 10.89
CA THR A 183 -8.72 7.27 9.80
C THR A 183 -9.91 6.42 10.24
N VAL A 184 -10.99 6.46 9.46
CA VAL A 184 -12.08 5.50 9.60
C VAL A 184 -11.69 4.27 8.78
N HIS A 185 -11.37 3.19 9.47
CA HIS A 185 -10.51 2.15 8.95
C HIS A 185 -11.28 0.84 8.89
N SER A 186 -11.23 0.20 7.74
CA SER A 186 -12.06 -0.98 7.58
C SER A 186 -11.35 -2.21 8.10
N LEU A 187 -12.11 -3.26 8.29
CA LEU A 187 -11.57 -4.61 8.46
C LEU A 187 -11.05 -5.11 7.12
N THR A 188 -9.73 -5.14 7.00
CA THR A 188 -9.09 -5.71 5.82
C THR A 188 -9.25 -7.23 5.82
N ALA A 189 -8.60 -7.88 6.80
CA ALA A 189 -8.67 -9.30 7.14
C ALA A 189 -8.35 -9.40 8.63
N THR A 190 -8.37 -10.63 9.17
CA THR A 190 -8.11 -10.79 10.61
C THR A 190 -6.68 -10.40 10.98
N GLN A 191 -6.44 -9.10 11.19
CA GLN A 191 -5.09 -8.57 11.37
C GLN A 191 -4.99 -7.73 12.64
N SER A 198 -6.36 -11.01 21.98
CA SER A 198 -5.39 -10.12 21.35
C SER A 198 -4.69 -9.30 22.42
N HIS A 199 -3.47 -9.72 22.76
CA HIS A 199 -2.87 -9.41 24.06
C HIS A 199 -1.92 -8.21 24.02
N LYS A 200 -1.76 -7.58 22.86
CA LYS A 200 -1.05 -6.31 22.74
C LYS A 200 -1.96 -5.15 22.39
N ASP A 201 -3.28 -5.41 22.24
CA ASP A 201 -4.25 -4.43 21.74
C ASP A 201 -5.62 -4.92 22.20
N TRP A 202 -6.03 -4.52 23.41
CA TRP A 202 -7.23 -5.11 24.00
C TRP A 202 -8.48 -4.80 23.21
N ARG A 203 -8.64 -3.54 22.79
CA ARG A 203 -9.82 -3.17 22.02
C ARG A 203 -9.92 -4.02 20.75
N GLY A 204 -8.78 -4.39 20.16
CA GLY A 204 -8.78 -5.14 18.92
C GLY A 204 -9.17 -6.60 19.08
N GLY A 205 -9.15 -7.12 20.30
CA GLY A 205 -9.65 -8.45 20.52
C GLY A 205 -11.15 -8.55 20.71
N ARG A 206 -11.86 -7.43 20.68
CA ARG A 206 -13.31 -7.47 20.80
C ARG A 206 -13.91 -7.77 19.44
N THR A 207 -15.15 -8.26 19.45
CA THR A 207 -15.83 -8.56 18.20
C THR A 207 -15.79 -7.35 17.28
N ALA A 208 -15.29 -7.57 16.07
CA ALA A 208 -15.23 -6.48 15.11
C ALA A 208 -16.60 -6.14 14.59
N SER A 209 -17.50 -7.13 14.52
CA SER A 209 -18.61 -7.09 13.58
C SER A 209 -19.65 -6.03 13.93
N GLY A 210 -19.94 -5.79 15.19
CA GLY A 210 -20.88 -4.72 15.49
C GLY A 210 -20.31 -3.45 16.09
N ASN A 211 -19.01 -3.28 16.12
CA ASN A 211 -18.40 -2.28 16.97
C ASN A 211 -17.67 -1.21 16.17
N ILE A 212 -17.64 -0.02 16.73
CA ILE A 212 -16.60 0.95 16.41
C ILE A 212 -15.49 0.74 17.41
N ILE A 213 -14.26 0.54 16.94
CA ILE A 213 -13.13 0.17 17.80
C ILE A 213 -11.97 1.16 17.62
N PRO A 214 -11.73 2.07 18.56
CA PRO A 214 -10.59 2.98 18.41
C PRO A 214 -9.28 2.21 18.39
N SER A 215 -8.28 2.80 17.75
CA SER A 215 -6.97 2.17 17.63
C SER A 215 -5.90 3.23 17.41
N SER A 216 -4.67 2.86 17.75
CA SER A 216 -3.51 3.68 17.43
C SER A 216 -3.18 3.56 15.95
N THR A 217 -2.29 4.42 15.49
CA THR A 217 -1.74 4.24 14.17
C THR A 217 -0.42 4.99 14.12
N GLY A 218 0.55 4.39 13.46
CA GLY A 218 1.79 5.09 13.21
C GLY A 218 1.84 5.74 11.86
N ALA A 219 0.73 5.70 11.12
CA ALA A 219 0.71 6.24 9.78
C ALA A 219 1.07 7.72 9.79
N ALA A 220 0.47 8.48 10.71
CA ALA A 220 0.70 9.93 10.73
C ALA A 220 2.16 10.25 11.04
N LYS A 221 2.84 9.43 11.83
CA LYS A 221 4.23 9.73 12.10
C LYS A 221 5.16 9.18 11.01
N ALA A 222 4.83 8.04 10.39
CA ALA A 222 5.65 7.53 9.30
C ALA A 222 5.69 8.47 8.11
N VAL A 223 4.72 9.39 8.00
CA VAL A 223 4.84 10.42 6.97
C VAL A 223 6.10 11.25 7.20
N GLY A 224 6.52 11.38 8.47
CA GLY A 224 7.76 12.08 8.78
C GLY A 224 9.01 11.47 8.14
N LYS A 225 9.01 10.15 7.94
CA LYS A 225 10.15 9.50 7.27
C LYS A 225 10.22 9.88 5.79
N VAL A 226 9.10 9.83 5.08
CA VAL A 226 9.21 10.10 3.65
C VAL A 226 9.09 11.59 3.33
N LEU A 227 8.51 12.39 4.23
CA LEU A 227 8.45 13.85 4.12
C LEU A 227 9.13 14.44 5.34
N PRO A 228 10.46 14.45 5.36
CA PRO A 228 11.20 15.00 6.52
C PRO A 228 10.72 16.37 6.97
N GLU A 229 10.29 17.23 6.06
CA GLU A 229 9.85 18.56 6.47
C GLU A 229 8.58 18.52 7.31
N LEU A 230 7.86 17.39 7.31
CA LEU A 230 6.69 17.24 8.16
C LEU A 230 7.00 16.46 9.44
N GLN A 231 8.24 16.06 9.65
CA GLN A 231 8.65 15.41 10.90
C GLN A 231 8.11 16.15 12.11
N GLY A 232 7.42 15.40 12.98
CA GLY A 232 6.89 15.94 14.22
C GLY A 232 5.66 16.82 14.09
N LYS A 233 5.10 16.98 12.90
CA LYS A 233 4.00 17.92 12.69
C LYS A 233 2.65 17.24 12.54
N LEU A 234 2.60 15.91 12.60
CA LEU A 234 1.36 15.17 12.39
C LEU A 234 1.27 14.06 13.42
N THR A 235 0.07 13.82 13.93
CA THR A 235 -0.22 12.58 14.62
C THR A 235 -1.71 12.30 14.44
N GLY A 236 -2.19 11.25 15.07
CA GLY A 236 -3.59 10.89 14.86
C GLY A 236 -3.92 9.53 15.42
N MET A 237 -5.11 9.06 15.05
CA MET A 237 -5.72 7.89 15.67
C MET A 237 -6.64 7.24 14.63
N ALA A 238 -7.17 6.06 14.95
CA ALA A 238 -8.06 5.39 14.02
C ALA A 238 -9.34 4.94 14.73
N PHE A 239 -10.41 4.85 13.96
CA PHE A 239 -11.65 4.18 14.37
C PHE A 239 -11.86 3.02 13.40
N ARG A 240 -11.68 1.79 13.87
CA ARG A 240 -11.96 0.65 13.00
C ARG A 240 -13.46 0.31 12.98
N VAL A 241 -14.00 0.12 11.79
CA VAL A 241 -15.42 -0.14 11.58
C VAL A 241 -15.55 -1.39 10.72
N PRO A 242 -16.70 -2.08 10.78
CA PRO A 242 -16.89 -3.32 10.01
C PRO A 242 -17.54 -3.06 8.65
N THR A 243 -16.73 -2.55 7.73
CA THR A 243 -17.16 -2.27 6.37
C THR A 243 -16.22 -2.95 5.38
N VAL A 244 -16.53 -2.81 4.08
CA VAL A 244 -15.68 -3.32 2.97
C VAL A 244 -14.29 -2.68 3.02
N ASP A 245 -13.29 -3.38 2.43
CA ASP A 245 -11.88 -2.98 2.51
C ASP A 245 -11.56 -1.63 1.91
N VAL A 246 -12.36 -0.61 2.19
CA VAL A 246 -12.06 0.76 1.79
C VAL A 246 -12.07 1.61 3.06
N SER A 247 -11.05 2.44 3.22
CA SER A 247 -10.95 3.28 4.39
C SER A 247 -10.88 4.75 3.96
N VAL A 248 -10.97 5.64 4.93
CA VAL A 248 -11.00 7.05 4.60
C VAL A 248 -10.18 7.82 5.64
N VAL A 249 -9.35 8.74 5.17
CA VAL A 249 -8.52 9.56 6.03
C VAL A 249 -9.21 10.91 6.21
N ASP A 250 -9.20 11.37 7.45
CA ASP A 250 -9.87 12.61 7.88
C ASP A 250 -8.76 13.49 8.46
N LEU A 251 -8.24 14.43 7.68
CA LEU A 251 -7.05 15.20 8.04
C LEU A 251 -7.43 16.63 8.41
N THR A 252 -7.22 17.00 9.68
CA THR A 252 -7.51 18.35 10.15
C THR A 252 -6.20 19.11 10.33
N VAL A 253 -5.94 20.08 9.45
CA VAL A 253 -4.63 20.73 9.38
C VAL A 253 -4.74 22.22 9.67
N LYS A 254 -3.75 22.72 10.41
CA LYS A 254 -3.51 24.15 10.53
C LYS A 254 -2.52 24.55 9.44
N LEU A 255 -2.85 25.57 8.66
CA LEU A 255 -2.01 25.93 7.53
C LEU A 255 -1.13 27.13 7.87
N ASN A 256 -0.01 27.22 7.15
CA ASN A 256 0.85 28.39 7.27
C ASN A 256 0.27 29.58 6.55
N LYS A 257 -0.30 29.38 5.37
CA LYS A 257 -0.77 30.45 4.50
C LYS A 257 -2.29 30.42 4.36
N GLU A 258 -2.92 31.59 4.38
CA GLU A 258 -4.37 31.69 4.21
C GLU A 258 -4.79 31.20 2.84
N THR A 259 -5.95 30.54 2.78
CA THR A 259 -6.48 30.06 1.51
C THR A 259 -7.98 29.89 1.65
N THR A 260 -8.62 29.47 0.56
CA THR A 260 -10.03 29.13 0.51
C THR A 260 -10.17 27.68 0.10
N TYR A 261 -11.33 27.09 0.36
CA TYR A 261 -11.50 25.68 0.00
C TYR A 261 -11.46 25.49 -1.51
N ASP A 262 -11.97 26.45 -2.29
CA ASP A 262 -11.91 26.33 -3.75
C ASP A 262 -10.47 26.29 -4.23
N GLU A 263 -9.60 27.05 -3.59
CA GLU A 263 -8.17 27.01 -3.91
C GLU A 263 -7.58 25.65 -3.57
N ILE A 264 -7.95 25.07 -2.42
CA ILE A 264 -7.48 23.72 -2.10
C ILE A 264 -7.94 22.72 -3.16
N LYS A 265 -9.22 22.80 -3.54
CA LYS A 265 -9.74 21.89 -4.57
C LYS A 265 -8.97 22.01 -5.87
N LYS A 266 -8.68 23.23 -6.33
CA LYS A 266 -7.95 23.38 -7.58
C LYS A 266 -6.54 22.81 -7.46
N VAL A 267 -5.89 23.04 -6.33
CA VAL A 267 -4.53 22.55 -6.14
C VAL A 267 -4.51 21.02 -6.13
N VAL A 268 -5.43 20.40 -5.38
CA VAL A 268 -5.47 18.94 -5.32
C VAL A 268 -5.83 18.39 -6.70
N LYS A 269 -6.86 18.96 -7.32
CA LYS A 269 -7.29 18.52 -8.64
C LYS A 269 -6.17 18.62 -9.66
N ALA A 270 -5.41 19.73 -9.65
CA ALA A 270 -4.31 19.87 -10.58
C ALA A 270 -3.24 18.80 -10.36
N ALA A 271 -2.93 18.51 -9.09
CA ALA A 271 -1.95 17.46 -8.82
C ALA A 271 -2.48 16.09 -9.27
N ALA A 272 -3.79 15.84 -9.06
CA ALA A 272 -4.38 14.56 -9.44
C ALA A 272 -4.36 14.36 -10.95
N GLU A 273 -4.58 15.44 -11.71
CA GLU A 273 -4.54 15.37 -13.16
C GLU A 273 -3.15 15.54 -13.73
N GLY A 274 -2.17 15.93 -12.90
CA GLY A 274 -0.84 16.21 -13.38
C GLY A 274 0.25 15.34 -12.79
N LYS A 275 1.10 15.89 -11.91
CA LYS A 275 2.28 15.12 -11.52
C LYS A 275 1.91 13.90 -10.69
N LEU A 276 0.81 13.92 -9.93
CA LEU A 276 0.42 12.74 -9.17
C LEU A 276 -0.63 11.89 -9.90
N LYS A 277 -0.70 11.97 -11.24
CA LYS A 277 -1.67 11.19 -11.99
C LYS A 277 -1.53 9.71 -11.66
N GLY A 278 -2.64 9.07 -11.31
CA GLY A 278 -2.64 7.66 -11.00
C GLY A 278 -2.36 7.35 -9.56
N VAL A 279 -1.83 8.30 -8.81
CA VAL A 279 -1.54 8.10 -7.41
C VAL A 279 -2.55 8.83 -6.55
N LEU A 280 -2.74 10.11 -6.82
CA LEU A 280 -3.74 10.87 -6.12
C LEU A 280 -4.93 11.05 -7.06
N GLY A 281 -6.14 10.77 -6.56
CA GLY A 281 -7.35 10.96 -7.31
C GLY A 281 -8.17 12.09 -6.74
N TYR A 282 -9.25 12.43 -7.46
CA TYR A 282 -10.06 13.58 -7.08
C TYR A 282 -11.49 13.29 -7.49
N THR A 283 -12.42 13.48 -6.58
CA THR A 283 -13.82 13.40 -6.95
C THR A 283 -14.61 14.49 -6.27
N GLU A 284 -15.76 14.79 -6.87
CA GLU A 284 -16.79 15.66 -6.30
C GLU A 284 -18.15 14.97 -6.21
N ASP A 285 -18.24 13.70 -6.58
CA ASP A 285 -19.50 12.94 -6.60
C ASP A 285 -19.91 12.52 -5.19
N ALA A 286 -21.18 12.12 -5.07
CA ALA A 286 -21.75 11.68 -3.81
C ALA A 286 -21.35 10.22 -3.54
N VAL A 287 -20.06 10.03 -3.35
CA VAL A 287 -19.49 8.68 -3.28
C VAL A 287 -19.66 8.11 -1.88
N VAL A 288 -19.63 6.77 -1.79
CA VAL A 288 -19.56 6.03 -0.55
C VAL A 288 -18.43 5.03 -0.69
N SER A 289 -18.01 4.44 0.44
CA SER A 289 -16.79 3.65 0.42
C SER A 289 -16.80 2.56 -0.66
N SER A 290 -17.92 1.86 -0.86
CA SER A 290 -17.83 0.75 -1.83
C SER A 290 -17.59 1.22 -3.26
N ASP A 291 -17.75 2.52 -3.56
CA ASP A 291 -17.41 3.03 -4.88
C ASP A 291 -15.91 3.01 -5.15
N PHE A 292 -15.08 2.74 -4.16
CA PHE A 292 -13.65 2.69 -4.36
C PHE A 292 -13.07 1.28 -4.32
N LEU A 293 -13.91 0.26 -4.22
CA LEU A 293 -13.38 -1.10 -4.30
C LEU A 293 -12.73 -1.29 -5.66
N GLY A 294 -11.45 -1.65 -5.66
CA GLY A 294 -10.73 -1.83 -6.91
C GLY A 294 -10.05 -0.59 -7.43
N ASP A 295 -10.11 0.52 -6.71
CA ASP A 295 -9.54 1.74 -7.24
C ASP A 295 -8.03 1.72 -7.00
N SER A 296 -7.25 2.03 -8.02
CA SER A 296 -5.81 1.83 -7.93
C SER A 296 -5.06 3.07 -7.44
N HIS A 297 -5.75 4.18 -7.22
CA HIS A 297 -5.12 5.33 -6.58
C HIS A 297 -4.77 5.04 -5.13
N SER A 298 -3.73 5.74 -4.65
CA SER A 298 -3.32 5.69 -3.25
C SER A 298 -4.26 6.46 -2.35
N SER A 299 -4.90 7.49 -2.90
CA SER A 299 -5.60 8.53 -2.19
C SER A 299 -6.61 9.15 -3.14
N ILE A 300 -7.88 9.16 -2.77
CA ILE A 300 -8.88 9.84 -3.60
C ILE A 300 -9.51 10.93 -2.75
N PHE A 301 -9.14 12.17 -3.04
CA PHE A 301 -9.66 13.32 -2.32
C PHE A 301 -11.16 13.46 -2.58
N ASP A 302 -11.93 13.51 -1.51
CA ASP A 302 -13.38 13.70 -1.56
C ASP A 302 -13.66 15.19 -1.36
N ALA A 303 -13.79 15.90 -2.48
CA ALA A 303 -13.94 17.36 -2.38
C ALA A 303 -15.24 17.74 -1.67
N SER A 304 -16.32 17.00 -1.89
CA SER A 304 -17.58 17.40 -1.26
C SER A 304 -17.62 17.07 0.22
N ALA A 305 -16.78 16.16 0.70
CA ALA A 305 -16.89 15.77 2.10
C ALA A 305 -16.10 16.69 3.02
N GLY A 306 -15.10 17.39 2.51
CA GLY A 306 -14.26 18.23 3.34
C GLY A 306 -14.99 19.49 3.77
N ILE A 307 -14.34 20.24 4.67
CA ILE A 307 -14.96 21.44 5.22
C ILE A 307 -13.89 22.35 5.80
N GLN A 308 -13.92 23.63 5.40
CA GLN A 308 -13.01 24.65 5.88
C GLN A 308 -13.73 25.53 6.89
N LEU A 309 -13.13 25.73 8.06
CA LEU A 309 -13.71 26.63 9.04
C LEU A 309 -13.21 28.05 8.90
N SER A 310 -11.93 28.23 8.64
CA SER A 310 -11.33 29.56 8.59
C SER A 310 -10.15 29.47 7.65
N PRO A 311 -9.54 30.62 7.28
CA PRO A 311 -8.56 30.58 6.19
C PRO A 311 -7.37 29.68 6.44
N LYS A 312 -7.05 29.34 7.68
CA LYS A 312 -5.89 28.49 7.92
C LYS A 312 -6.25 27.22 8.69
N PHE A 313 -7.50 26.76 8.58
CA PHE A 313 -7.99 25.64 9.38
C PHE A 313 -9.02 24.86 8.57
N VAL A 314 -8.66 23.65 8.14
CA VAL A 314 -9.46 22.90 7.18
C VAL A 314 -9.40 21.41 7.51
N LYS A 315 -10.51 20.74 7.24
CA LYS A 315 -10.64 19.29 7.33
C LYS A 315 -10.70 18.74 5.91
N LEU A 316 -9.79 17.80 5.60
CA LEU A 316 -9.63 17.24 4.26
C LEU A 316 -9.88 15.74 4.34
N VAL A 317 -10.52 15.19 3.32
CA VAL A 317 -11.01 13.81 3.36
C VAL A 317 -10.53 13.04 2.14
N SER A 318 -10.00 11.84 2.35
CA SER A 318 -9.42 11.11 1.25
C SER A 318 -9.63 9.62 1.43
N TRP A 319 -10.13 8.98 0.37
CA TRP A 319 -10.48 7.57 0.39
C TRP A 319 -9.30 6.72 -0.04
N TYR A 320 -9.33 5.43 0.35
CA TYR A 320 -8.39 4.48 -0.24
C TYR A 320 -8.89 3.05 -0.04
N ASP A 321 -8.79 2.25 -1.10
CA ASP A 321 -8.94 0.80 -0.96
C ASP A 321 -7.71 0.28 -0.25
N ASN A 322 -7.84 -0.16 1.00
CA ASN A 322 -6.59 -0.38 1.70
C ASN A 322 -5.75 -1.56 1.20
N GLU A 323 -6.20 -2.35 0.25
CA GLU A 323 -5.34 -3.40 -0.30
C GLU A 323 -4.90 -3.08 -1.73
N TYR A 324 -5.82 -2.56 -2.54
CA TYR A 324 -5.61 -2.50 -3.99
C TYR A 324 -4.70 -1.35 -4.41
N GLY A 325 -4.92 -0.14 -3.86
CA GLY A 325 -4.03 0.97 -4.18
C GLY A 325 -2.61 0.69 -3.71
N TYR A 326 -2.47 0.25 -2.46
CA TYR A 326 -1.18 -0.16 -1.93
C TYR A 326 -0.50 -1.18 -2.85
N SER A 327 -1.21 -2.26 -3.21
CA SER A 327 -0.60 -3.29 -4.06
C SER A 327 -0.22 -2.77 -5.44
N THR A 328 -0.98 -1.82 -5.98
CA THR A 328 -0.57 -1.21 -7.24
C THR A 328 0.72 -0.39 -7.05
N ARG A 329 0.82 0.34 -5.93
CA ARG A 329 2.05 1.07 -5.64
C ARG A 329 3.24 0.12 -5.47
N VAL A 330 3.01 -1.07 -4.91
CA VAL A 330 4.12 -2.01 -4.77
C VAL A 330 4.71 -2.32 -6.12
N VAL A 331 3.86 -2.67 -7.09
CA VAL A 331 4.37 -3.01 -8.42
C VAL A 331 4.96 -1.78 -9.10
N ASP A 332 4.36 -0.61 -8.88
CA ASP A 332 4.98 0.66 -9.27
C ASP A 332 6.41 0.77 -8.73
N LEU A 333 6.57 0.61 -7.42
CA LEU A 333 7.90 0.73 -6.81
C LEU A 333 8.85 -0.32 -7.37
N VAL A 334 8.35 -1.51 -7.64
CA VAL A 334 9.18 -2.56 -8.23
C VAL A 334 9.72 -2.10 -9.57
N GLU A 335 8.84 -1.57 -10.44
CA GLU A 335 9.31 -1.10 -11.74
C GLU A 335 10.29 0.05 -11.58
N HIS A 336 9.99 0.98 -10.67
CA HIS A 336 10.87 2.13 -10.48
C HIS A 336 12.25 1.68 -10.04
N VAL A 337 12.30 0.86 -8.98
CA VAL A 337 13.55 0.30 -8.47
C VAL A 337 14.29 -0.47 -9.55
N ALA A 338 13.56 -1.01 -10.53
CA ALA A 338 14.19 -1.72 -11.64
C ALA A 338 14.66 -0.76 -12.72
N LYS A 339 13.86 0.26 -13.04
CA LYS A 339 14.25 1.28 -14.01
C LYS A 339 15.57 1.94 -13.65
N ALA A 340 15.82 2.13 -12.34
CA ALA A 340 17.06 2.70 -11.84
C ALA A 340 18.29 1.92 -12.31
#